data_6S8Y
#
_entry.id   6S8Y
#
_cell.length_a   39.138
_cell.length_b   39.138
_cell.length_c   187.366
_cell.angle_alpha   90.000
_cell.angle_beta   90.000
_cell.angle_gamma   120.000
#
_symmetry.space_group_name_H-M   'P 32 2 1'
#
loop_
_entity.id
_entity.type
_entity.pdbx_description
1 polymer 'Cytochrome c iso-1'
2 non-polymer 'HEME C'
3 non-polymer 'ZINC ION'
4 non-polymer 'ACETATE ION'
5 non-polymer 8-acetamido-2-[[2-[[2-[[2-[[2-[[2-[[2-[(2-carboxy-4-sulfonato-quinolin-8-yl)carbamoyl]-4-sulfonato-quinolin-8-yl]carbamoyl]-4-sulfonato-quinolin-8-yl]carbamoyl]-4-sulfonato-quinolin-8-yl]carbamoyl]-4-sulfonato-quinolin-8-yl]carbamoyl]-4-sulfonato-quinolin-8-yl]carbamoyl]-4-sulfonato-quinolin-8-yl]carbamoyl]quinoline-4-sulfonate
6 water water
#
_entity_poly.entity_id   1
_entity_poly.type   'polypeptide(L)'
_entity_poly.pdbx_seq_one_letter_code
;EFKAGSAKKGATLFKTRCLQCHTVEKGGPHKVGPNLHGIFGRHSGQAEGYSYTDANIKKNVLWDENNMSEYLTNPKKYIP
GTKMAFGGLKKEKDRNDLITYLKKATE
;
_entity_poly.pdbx_strand_id   A
#
# COMPACT_ATOMS: atom_id res chain seq x y z
N GLU A 1 13.24 11.22 1.69
CA GLU A 1 13.27 9.99 0.90
C GLU A 1 13.14 8.75 1.81
N PHE A 2 12.75 7.57 1.24
CA PHE A 2 12.60 6.34 2.03
C PHE A 2 13.94 5.80 2.52
N LYS A 3 13.97 5.41 3.80
CA LYS A 3 15.11 4.80 4.48
C LYS A 3 14.54 3.65 5.31
N ALA A 4 15.25 2.53 5.39
CA ALA A 4 14.81 1.35 6.14
C ALA A 4 14.56 1.67 7.61
N GLY A 5 13.39 1.27 8.08
CA GLY A 5 12.95 1.47 9.45
C GLY A 5 12.86 0.17 10.22
N SER A 6 11.95 0.12 11.21
CA SER A 6 11.74 -1.08 12.02
C SER A 6 10.58 -1.88 11.44
N ALA A 7 10.86 -3.12 10.99
CA ALA A 7 9.85 -4.01 10.40
C ALA A 7 8.84 -4.49 11.44
N LYS A 8 9.28 -4.65 12.72
CA LYS A 8 8.44 -5.05 13.85
C LYS A 8 7.36 -3.97 14.05
N LYS A 9 7.78 -2.68 14.12
CA LYS A 9 6.87 -1.54 14.24
C LYS A 9 5.99 -1.52 13.00
N GLY A 10 6.60 -1.81 11.85
CA GLY A 10 5.89 -1.85 10.57
C GLY A 10 4.76 -2.87 10.54
N ALA A 11 5.02 -4.07 11.08
CA ALA A 11 4.06 -5.18 11.14
C ALA A 11 2.84 -4.79 11.98
N THR A 12 3.04 -4.09 13.13
CA THR A 12 1.96 -3.62 14.00
C THR A 12 1.13 -2.58 13.24
N LEU A 13 1.80 -1.60 12.62
CA LEU A 13 1.14 -0.58 11.80
C LEU A 13 0.27 -1.23 10.71
N PHE A 14 0.76 -2.33 10.09
CA PHE A 14 0.01 -3.09 9.09
C PHE A 14 -1.24 -3.74 9.69
N LYS A 15 -1.06 -4.45 10.80
CA LYS A 15 -2.14 -5.13 11.51
C LYS A 15 -3.24 -4.16 11.92
N THR A 16 -2.85 -3.03 12.53
CA THR A 16 -3.78 -2.06 13.10
C THR A 16 -4.41 -1.10 12.10
N ARG A 17 -3.74 -0.81 10.96
CA ARG A 17 -4.22 0.14 9.95
C ARG A 17 -4.59 -0.41 8.60
N CYS A 18 -3.99 -1.53 8.17
CA CYS A 18 -4.15 -2.04 6.79
C CYS A 18 -4.89 -3.38 6.64
N LEU A 19 -4.59 -4.34 7.54
CA LEU A 19 -5.11 -5.72 7.54
C LEU A 19 -6.62 -5.83 7.44
N GLN A 20 -7.36 -4.84 7.94
CA GLN A 20 -8.81 -4.89 7.86
C GLN A 20 -9.32 -4.96 6.43
N CYS A 21 -8.55 -4.40 5.46
CA CYS A 21 -8.93 -4.36 4.06
C CYS A 21 -7.98 -5.11 3.13
N HIS A 22 -6.76 -5.48 3.60
CA HIS A 22 -5.73 -6.10 2.79
C HIS A 22 -5.07 -7.32 3.36
N THR A 23 -4.82 -8.30 2.48
CA THR A 23 -3.94 -9.43 2.82
C THR A 23 -2.67 -9.17 2.02
N VAL A 24 -1.58 -9.82 2.39
CA VAL A 24 -0.25 -9.66 1.82
C VAL A 24 0.29 -10.96 1.20
N GLU A 25 -0.11 -12.13 1.72
CA GLU A 25 0.43 -13.41 1.29
C GLU A 25 0.00 -13.79 -0.12
N LYS A 26 0.84 -14.60 -0.79
CA LYS A 26 0.59 -15.11 -2.13
C LYS A 26 -0.68 -15.93 -2.08
N GLY A 27 -1.62 -15.62 -2.97
CA GLY A 27 -2.89 -16.33 -3.07
C GLY A 27 -3.91 -15.87 -2.04
N GLY A 28 -3.51 -14.94 -1.17
CA GLY A 28 -4.35 -14.35 -0.13
C GLY A 28 -5.61 -13.74 -0.70
N PRO A 29 -6.73 -13.75 0.05
CA PRO A 29 -7.97 -13.23 -0.54
C PRO A 29 -8.00 -11.71 -0.66
N HIS A 30 -8.87 -11.26 -1.58
CA HIS A 30 -9.19 -9.85 -1.73
C HIS A 30 -10.23 -9.64 -0.62
N LYS A 31 -10.24 -8.45 -0.03
CA LYS A 31 -11.20 -8.11 1.01
C LYS A 31 -11.84 -6.83 0.51
N VAL A 32 -11.97 -5.77 1.34
CA VAL A 32 -12.47 -4.48 0.83
C VAL A 32 -11.42 -3.94 -0.19
N GLY A 33 -10.13 -4.13 0.13
CA GLY A 33 -9.02 -3.75 -0.73
C GLY A 33 -8.37 -4.96 -1.37
N PRO A 34 -7.51 -4.77 -2.41
CA PRO A 34 -6.89 -5.94 -3.04
C PRO A 34 -5.80 -6.57 -2.20
N ASN A 35 -5.57 -7.87 -2.41
CA ASN A 35 -4.44 -8.59 -1.84
C ASN A 35 -3.20 -7.87 -2.41
N LEU A 36 -2.21 -7.64 -1.58
CA LEU A 36 -1.03 -6.86 -1.97
C LEU A 36 0.21 -7.67 -2.33
N HIS A 37 0.09 -8.98 -2.49
CA HIS A 37 1.27 -9.77 -2.83
C HIS A 37 1.88 -9.28 -4.17
N GLY A 38 3.20 -9.12 -4.20
CA GLY A 38 3.92 -8.65 -5.37
C GLY A 38 3.63 -7.20 -5.75
N ILE A 39 3.07 -6.40 -4.84
CA ILE A 39 2.71 -4.99 -5.10
C ILE A 39 3.91 -4.13 -5.59
N PHE A 40 5.10 -4.30 -4.98
CA PHE A 40 6.29 -3.55 -5.39
C PHE A 40 6.80 -4.16 -6.70
N GLY A 41 6.94 -3.32 -7.71
CA GLY A 41 7.36 -3.79 -9.02
C GLY A 41 6.20 -4.10 -9.96
N ARG A 42 4.97 -3.88 -9.50
CA ARG A 42 3.77 -4.04 -10.32
C ARG A 42 3.14 -2.63 -10.44
N HIS A 43 2.53 -2.32 -11.59
CA HIS A 43 1.84 -1.04 -11.80
C HIS A 43 0.56 -1.02 -10.98
N SER A 44 0.10 0.17 -10.56
CA SER A 44 -1.11 0.32 -9.76
C SER A 44 -2.33 -0.18 -10.54
N GLY A 45 -3.29 -0.75 -9.82
CA GLY A 45 -4.52 -1.27 -10.38
C GLY A 45 -4.42 -2.53 -11.22
N GLN A 46 -3.53 -3.46 -10.86
CA GLN A 46 -3.29 -4.67 -11.64
C GLN A 46 -3.37 -6.04 -10.89
N ALA A 47 -3.85 -6.08 -9.62
CA ALA A 47 -4.01 -7.36 -8.92
C ALA A 47 -5.16 -8.14 -9.57
N GLU A 48 -4.89 -9.42 -9.90
CA GLU A 48 -5.81 -10.32 -10.58
C GLU A 48 -7.10 -10.60 -9.79
N GLY A 49 -8.25 -10.36 -10.44
CA GLY A 49 -9.56 -10.60 -9.83
C GLY A 49 -10.11 -9.46 -8.99
N TYR A 50 -9.38 -8.33 -8.90
CA TYR A 50 -9.86 -7.19 -8.12
C TYR A 50 -10.46 -6.13 -9.02
N SER A 51 -11.59 -5.57 -8.58
CA SER A 51 -12.29 -4.52 -9.31
C SER A 51 -11.87 -3.16 -8.71
N TYR A 52 -10.94 -2.45 -9.38
CA TYR A 52 -10.41 -1.14 -8.99
C TYR A 52 -11.24 -0.01 -9.57
N THR A 53 -11.01 1.22 -9.09
CA THR A 53 -11.64 2.42 -9.67
C THR A 53 -10.82 2.74 -10.94
N ASP A 54 -11.39 3.54 -11.85
CA ASP A 54 -10.65 3.96 -13.03
C ASP A 54 -9.41 4.76 -12.60
N ALA A 55 -9.53 5.57 -11.53
CA ALA A 55 -8.51 6.47 -11.00
C ALA A 55 -7.24 5.74 -10.58
N ASN A 56 -7.41 4.60 -9.90
CA ASN A 56 -6.30 3.79 -9.44
C ASN A 56 -5.56 3.25 -10.64
N ILE A 57 -6.31 2.72 -11.64
CA ILE A 57 -5.74 2.19 -12.88
C ILE A 57 -5.02 3.30 -13.66
N LYS A 58 -5.71 4.45 -13.87
CA LYS A 58 -5.24 5.63 -14.60
C LYS A 58 -3.88 6.14 -14.07
N LYS A 59 -3.71 6.23 -12.75
CA LYS A 59 -2.46 6.65 -12.10
C LYS A 59 -1.25 5.94 -12.76
N ASN A 60 -1.37 4.59 -12.95
CA ASN A 60 -0.40 3.72 -13.63
C ASN A 60 1.02 3.83 -13.07
N VAL A 61 1.11 4.00 -11.75
CA VAL A 61 2.37 4.13 -11.01
C VAL A 61 3.03 2.77 -10.85
N LEU A 62 4.34 2.69 -11.14
CA LEU A 62 5.10 1.47 -10.92
C LEU A 62 5.53 1.56 -9.47
N TRP A 63 4.82 0.82 -8.58
CA TRP A 63 5.05 0.87 -7.13
C TRP A 63 6.48 0.57 -6.71
N ASP A 64 7.10 1.51 -5.98
CA ASP A 64 8.44 1.46 -5.38
C ASP A 64 8.33 2.02 -3.95
N GLU A 65 9.39 1.95 -3.15
CA GLU A 65 9.35 2.43 -1.76
C GLU A 65 9.02 3.92 -1.62
N ASN A 66 9.61 4.77 -2.49
CA ASN A 66 9.44 6.22 -2.46
C ASN A 66 8.03 6.68 -2.84
N ASN A 67 7.48 6.24 -4.00
CA ASN A 67 6.13 6.65 -4.41
C ASN A 67 5.05 6.06 -3.46
N MET A 68 5.31 4.89 -2.86
CA MET A 68 4.44 4.22 -1.87
C MET A 68 4.36 5.11 -0.62
N SER A 69 5.51 5.69 -0.22
CA SER A 69 5.61 6.60 0.93
C SER A 69 4.79 7.85 0.66
N GLU A 70 4.91 8.40 -0.57
CA GLU A 70 4.18 9.59 -1.01
C GLU A 70 2.67 9.27 -1.02
N TYR A 71 2.29 8.10 -1.59
CA TYR A 71 0.90 7.62 -1.63
C TYR A 71 0.34 7.47 -0.24
N LEU A 72 1.07 6.77 0.65
CA LEU A 72 0.60 6.54 2.00
C LEU A 72 0.59 7.80 2.88
N THR A 73 1.34 8.89 2.50
CA THR A 73 1.32 10.19 3.21
C THR A 73 -0.13 10.69 3.20
N ASN A 74 -0.76 10.63 2.00
CA ASN A 74 -2.16 11.00 1.76
C ASN A 74 -2.63 10.39 0.43
N PRO A 75 -3.32 9.22 0.51
CA PRO A 75 -3.77 8.51 -0.71
C PRO A 75 -4.63 9.30 -1.68
N LYS A 76 -5.60 10.06 -1.16
CA LYS A 76 -6.55 10.86 -1.97
C LYS A 76 -5.89 12.03 -2.74
N LYS A 77 -4.72 12.50 -2.27
N LYS A 77 -4.72 12.52 -2.30
CA LYS A 77 -3.91 13.58 -2.87
CA LYS A 77 -4.02 13.59 -3.04
C LYS A 77 -3.12 13.02 -4.07
C LYS A 77 -3.20 12.96 -4.17
N TYR A 78 -2.57 11.81 -3.89
CA TYR A 78 -1.77 11.08 -4.87
C TYR A 78 -2.64 10.48 -5.96
N ILE A 79 -3.73 9.81 -5.57
CA ILE A 79 -4.66 9.22 -6.54
C ILE A 79 -6.07 9.84 -6.31
N PRO A 80 -6.39 11.01 -6.92
CA PRO A 80 -7.74 11.58 -6.73
C PRO A 80 -8.79 10.64 -7.32
N GLY A 81 -9.83 10.35 -6.54
CA GLY A 81 -10.92 9.46 -6.93
C GLY A 81 -10.78 8.04 -6.41
N THR A 82 -9.75 7.79 -5.58
CA THR A 82 -9.56 6.45 -5.02
C THR A 82 -10.67 6.07 -4.03
N LYS A 83 -11.09 4.80 -4.05
CA LYS A 83 -12.09 4.26 -3.11
C LYS A 83 -11.41 3.73 -1.82
N MET A 84 -10.06 3.88 -1.68
CA MET A 84 -9.34 3.48 -0.47
C MET A 84 -9.65 4.53 0.58
N ALA A 85 -10.47 4.13 1.57
CA ALA A 85 -10.92 5.02 2.64
C ALA A 85 -9.91 4.95 3.78
N PHE A 86 -8.82 5.72 3.64
CA PHE A 86 -7.70 5.80 4.58
C PHE A 86 -7.04 7.16 4.43
N GLY A 87 -7.05 7.92 5.53
CA GLY A 87 -6.49 9.26 5.62
C GLY A 87 -4.99 9.38 5.39
N GLY A 88 -4.27 8.33 5.72
CA GLY A 88 -2.83 8.32 5.52
C GLY A 88 -2.02 8.21 6.78
N LEU A 89 -0.74 7.93 6.60
CA LEU A 89 0.21 7.84 7.71
C LEU A 89 0.98 9.14 7.63
N LYS A 90 0.71 10.06 8.58
CA LYS A 90 1.29 11.39 8.54
C LYS A 90 2.77 11.43 8.98
N LYS A 91 3.24 10.46 9.78
CA LYS A 91 4.65 10.45 10.22
C LYS A 91 5.50 9.64 9.23
N GLU A 92 6.65 10.21 8.81
CA GLU A 92 7.62 9.58 7.90
C GLU A 92 8.22 8.32 8.56
N LYS A 93 8.36 8.35 9.91
CA LYS A 93 8.83 7.25 10.76
C LYS A 93 7.92 6.03 10.51
N ASP A 94 6.58 6.24 10.62
CA ASP A 94 5.54 5.23 10.41
C ASP A 94 5.53 4.65 9.00
N ARG A 95 5.75 5.53 8.00
CA ARG A 95 5.78 5.17 6.59
C ARG A 95 7.01 4.33 6.31
N ASN A 96 8.20 4.77 6.79
CA ASN A 96 9.45 4.03 6.67
C ASN A 96 9.31 2.64 7.29
N ASP A 97 8.76 2.56 8.52
CA ASP A 97 8.53 1.31 9.27
C ASP A 97 7.56 0.39 8.53
N LEU A 98 6.40 0.92 8.10
CA LEU A 98 5.40 0.15 7.38
C LEU A 98 5.96 -0.42 6.06
N ILE A 99 6.67 0.41 5.28
CA ILE A 99 7.18 0.02 3.96
C ILE A 99 8.30 -1.02 4.09
N THR A 100 9.17 -0.89 5.14
CA THR A 100 10.22 -1.87 5.41
C THR A 100 9.55 -3.24 5.62
N TYR A 101 8.41 -3.25 6.33
CA TYR A 101 7.66 -4.47 6.58
C TYR A 101 6.98 -4.97 5.32
N LEU A 102 6.28 -4.08 4.62
CA LEU A 102 5.51 -4.42 3.42
C LEU A 102 6.37 -4.99 2.29
N LYS A 103 7.59 -4.46 2.08
CA LYS A 103 8.55 -4.95 1.09
C LYS A 103 8.83 -6.43 1.27
N LYS A 104 8.89 -6.91 2.54
CA LYS A 104 9.15 -8.31 2.87
C LYS A 104 7.87 -9.14 2.90
N ALA A 105 6.80 -8.62 3.52
CA ALA A 105 5.51 -9.29 3.67
C ALA A 105 4.84 -9.59 2.31
N THR A 106 5.00 -8.70 1.36
CA THR A 106 4.39 -8.88 0.04
C THR A 106 5.30 -9.60 -0.96
N GLU A 107 6.56 -9.91 -0.59
CA GLU A 107 7.45 -10.61 -1.51
C GLU A 107 7.01 -12.06 -1.63
#